data_1BIW
#
_entry.id   1BIW
#
_cell.length_a   38.060
_cell.length_b   77.280
_cell.length_c   106.400
_cell.angle_alpha   90.00
_cell.angle_beta   90.00
_cell.angle_gamma   90.00
#
_symmetry.space_group_name_H-M   'P 21 21 21'
#
loop_
_entity.id
_entity.type
_entity.pdbx_description
1 polymer 'PROTEIN (STROMELYSIN-1 COMPLEX)'
2 non-polymer 'ZINC ION'
3 non-polymer 'CALCIUM ION'
4 non-polymer N1-HYDROXY-2-(3-HYDROXY-PROPYL)-3-ISOBUTYL-N4-[1-(2-METHOXY-ETHYL)-2-OXO-AZEPAN-3-YL]-SUCCINAMIDE
5 water water
#
_entity_poly.entity_id   1
_entity_poly.type   'polypeptide(L)'
_entity_poly.pdbx_seq_one_letter_code
;FRTFPGIPKWRKTHLTYRIVNYTPDLPKDAVDSAVEKALKVWEEVTPLTFSRLYEGEADIMISFAVREHGDFYPFDGPGN
VLAHAYAPGPGINGDAHFDDDEQWTKDTTGTNLFLVAAHEIGHSLGLFHSANTEALMYPLYHSLTDLTRFRLSQDDINGI
QSLYGPPPDSPET
;
_entity_poly.pdbx_strand_id   A,B
#
loop_
_chem_comp.id
_chem_comp.type
_chem_comp.name
_chem_comp.formula
CA non-polymer 'CALCIUM ION' 'Ca 2'
S80 non-polymer N1-HYDROXY-2-(3-HYDROXY-PROPYL)-3-ISOBUTYL-N4-[1-(2-METHOXY-ETHYL)-2-OXO-AZEPAN-3-YL]-SUCCINAMIDE 'C20 H37 N3 O6'
ZN non-polymer 'ZINC ION' 'Zn 2'
#
# COMPACT_ATOMS: atom_id res chain seq x y z
N PHE A 1 32.82 -4.17 -8.02
CA PHE A 1 31.84 -3.43 -7.20
C PHE A 1 32.16 -1.96 -6.82
N ARG A 2 31.13 -1.30 -6.26
CA ARG A 2 31.16 0.06 -5.73
C ARG A 2 30.28 0.25 -4.48
N THR A 3 30.70 1.21 -3.64
CA THR A 3 29.91 1.53 -2.45
C THR A 3 29.42 2.99 -2.45
N PHE A 4 28.57 3.35 -1.48
CA PHE A 4 28.20 4.77 -1.40
C PHE A 4 29.31 5.73 -0.86
N PRO A 5 29.11 7.06 -1.09
CA PRO A 5 30.01 8.06 -0.48
C PRO A 5 30.06 8.09 1.06
N GLY A 6 31.31 8.09 1.55
CA GLY A 6 31.48 7.98 3.01
C GLY A 6 31.06 6.66 3.65
N ILE A 7 31.13 5.62 2.83
CA ILE A 7 30.72 4.22 3.11
C ILE A 7 29.67 3.91 4.20
N PRO A 8 28.44 4.33 3.87
CA PRO A 8 27.33 4.06 4.78
C PRO A 8 27.08 2.59 5.04
N LYS A 9 27.39 2.15 6.27
CA LYS A 9 26.87 0.81 6.59
C LYS A 9 26.02 0.60 7.84
N TRP A 10 25.52 -0.65 7.93
CA TRP A 10 24.95 -1.04 9.24
C TRP A 10 26.02 -1.46 10.24
N ARG A 11 25.88 -0.85 11.43
CA ARG A 11 26.85 -1.00 12.52
C ARG A 11 26.46 -2.09 13.54
N LYS A 12 25.84 -3.09 12.91
CA LYS A 12 25.06 -4.17 13.51
C LYS A 12 24.70 -5.21 12.44
N THR A 13 24.91 -6.48 12.80
CA THR A 13 24.69 -7.58 11.84
C THR A 13 23.29 -8.19 11.77
N HIS A 14 22.56 -8.02 12.88
CA HIS A 14 21.14 -8.44 12.88
C HIS A 14 20.20 -7.33 12.50
N LEU A 15 19.66 -7.50 11.32
CA LEU A 15 18.79 -6.52 10.69
C LEU A 15 17.31 -6.87 10.63
N THR A 16 16.50 -5.82 10.89
CA THR A 16 15.05 -6.06 10.80
C THR A 16 14.34 -5.54 9.58
N TYR A 17 13.35 -6.30 9.18
CA TYR A 17 12.52 -5.83 8.08
C TYR A 17 11.00 -5.89 8.30
N ARG A 18 10.32 -4.96 7.59
CA ARG A 18 8.83 -4.91 7.57
C ARG A 18 8.26 -4.73 6.15
N ILE A 19 7.46 -5.71 5.69
CA ILE A 19 6.69 -5.50 4.45
C ILE A 19 5.41 -4.70 4.64
N VAL A 20 5.56 -3.40 4.38
CA VAL A 20 4.54 -2.44 4.79
C VAL A 20 3.16 -2.43 4.23
N ASN A 21 3.14 -2.82 2.96
CA ASN A 21 1.91 -3.18 2.24
C ASN A 21 2.14 -4.20 1.14
N TYR A 22 1.07 -4.44 0.34
CA TYR A 22 1.06 -5.49 -0.67
C TYR A 22 0.51 -5.10 -2.03
N THR A 23 1.12 -5.70 -3.05
CA THR A 23 0.73 -5.40 -4.44
C THR A 23 -0.53 -6.15 -4.92
N PRO A 24 -1.46 -5.40 -5.60
CA PRO A 24 -2.54 -6.10 -6.31
C PRO A 24 -2.09 -7.25 -7.22
N ASP A 25 -0.96 -7.03 -7.89
CA ASP A 25 -0.35 -7.94 -8.89
C ASP A 25 -0.15 -9.40 -8.54
N LEU A 26 0.12 -9.63 -7.26
CA LEU A 26 0.64 -10.93 -6.82
C LEU A 26 -0.03 -11.49 -5.58
N PRO A 27 -0.01 -12.81 -5.37
CA PRO A 27 -0.38 -13.31 -4.02
C PRO A 27 0.50 -12.78 -2.91
N LYS A 28 -0.06 -12.62 -1.72
CA LYS A 28 0.78 -12.13 -0.61
C LYS A 28 2.02 -12.95 -0.21
N ASP A 29 1.84 -14.27 -0.22
CA ASP A 29 2.96 -15.20 -0.03
C ASP A 29 4.02 -15.23 -1.13
N ALA A 30 3.54 -14.92 -2.34
CA ALA A 30 4.52 -14.66 -3.39
C ALA A 30 5.34 -13.38 -3.24
N VAL A 31 4.70 -12.32 -2.68
CA VAL A 31 5.51 -11.25 -2.12
C VAL A 31 6.53 -11.50 -1.01
N ASP A 32 5.99 -12.08 0.04
CA ASP A 32 6.84 -12.49 1.15
C ASP A 32 8.06 -13.33 0.75
N SER A 33 7.74 -14.32 -0.09
CA SER A 33 8.72 -15.26 -0.62
C SER A 33 9.89 -14.72 -1.40
N ALA A 34 9.55 -13.62 -2.11
CA ALA A 34 10.51 -12.91 -2.94
C ALA A 34 11.42 -11.99 -2.15
N VAL A 35 10.77 -11.39 -1.13
CA VAL A 35 11.54 -10.79 -0.06
C VAL A 35 12.57 -11.59 0.69
N GLU A 36 12.08 -12.64 1.34
CA GLU A 36 13.04 -13.52 2.03
C GLU A 36 14.06 -14.23 1.13
N LYS A 37 13.63 -14.48 -0.12
CA LYS A 37 14.72 -14.82 -1.07
C LYS A 37 15.78 -13.76 -1.39
N ALA A 38 15.32 -12.50 -1.59
CA ALA A 38 16.27 -11.40 -1.79
C ALA A 38 17.23 -11.08 -0.63
N LEU A 39 16.67 -11.24 0.58
CA LEU A 39 17.43 -11.21 1.84
C LEU A 39 18.49 -12.33 1.95
N LYS A 40 17.94 -13.56 1.81
CA LYS A 40 18.77 -14.78 1.80
C LYS A 40 20.00 -14.73 0.90
N VAL A 41 19.76 -14.33 -0.34
CA VAL A 41 20.95 -14.17 -1.18
C VAL A 41 22.14 -13.33 -0.64
N TRP A 42 21.82 -12.31 0.17
CA TRP A 42 22.93 -11.60 0.83
C TRP A 42 23.44 -12.21 2.14
N GLU A 43 22.49 -12.83 2.84
CA GLU A 43 22.79 -13.53 4.08
C GLU A 43 23.73 -14.72 3.93
N GLU A 44 23.52 -15.43 2.79
CA GLU A 44 24.45 -16.52 2.53
C GLU A 44 25.92 -16.16 2.36
N VAL A 45 26.23 -14.86 2.16
CA VAL A 45 27.64 -14.49 2.10
C VAL A 45 28.22 -13.55 3.13
N THR A 46 27.48 -13.31 4.20
CA THR A 46 28.02 -12.36 5.19
C THR A 46 27.66 -12.89 6.56
N PRO A 47 28.03 -12.20 7.67
CA PRO A 47 27.42 -12.59 8.95
C PRO A 47 26.10 -11.88 9.25
N LEU A 48 25.39 -11.49 8.19
CA LEU A 48 24.10 -10.82 8.41
C LEU A 48 22.95 -11.76 8.72
N THR A 49 21.97 -11.18 9.41
CA THR A 49 20.73 -11.93 9.58
C THR A 49 19.49 -11.06 9.59
N PHE A 50 18.38 -11.66 9.18
CA PHE A 50 17.16 -10.84 9.16
C PHE A 50 16.04 -11.31 10.07
N SER A 51 15.29 -10.37 10.61
CA SER A 51 14.03 -10.84 11.18
C SER A 51 12.82 -9.98 10.80
N ARG A 52 11.66 -10.61 10.76
CA ARG A 52 10.48 -9.84 10.35
C ARG A 52 9.63 -9.24 11.45
N LEU A 53 9.68 -7.91 11.46
CA LEU A 53 8.68 -7.13 12.20
C LEU A 53 7.39 -6.88 11.40
N TYR A 54 6.28 -7.10 12.10
CA TYR A 54 4.96 -6.74 11.58
C TYR A 54 4.41 -5.41 12.08
N GLU A 55 5.07 -4.95 13.14
CA GLU A 55 4.74 -3.62 13.66
C GLU A 55 5.97 -2.86 14.05
N GLY A 56 5.75 -1.59 14.32
CA GLY A 56 6.93 -0.77 14.58
C GLY A 56 7.74 -0.43 13.34
N GLU A 57 8.68 0.47 13.55
CA GLU A 57 9.50 0.73 12.40
C GLU A 57 10.75 -0.20 12.36
N ALA A 58 10.80 -0.98 11.25
CA ALA A 58 11.94 -1.88 11.07
C ALA A 58 13.10 -1.27 10.27
N ASP A 59 14.32 -1.84 10.36
CA ASP A 59 15.46 -1.22 9.65
C ASP A 59 15.28 -0.99 8.15
N ILE A 60 14.96 -2.10 7.51
CA ILE A 60 14.48 -2.08 6.11
C ILE A 60 12.96 -2.14 5.95
N MET A 61 12.41 -0.96 5.67
CA MET A 61 10.97 -0.99 5.36
C MET A 61 10.72 -1.18 3.85
N ILE A 62 9.92 -2.22 3.57
CA ILE A 62 9.65 -2.52 2.16
C ILE A 62 8.22 -2.22 1.71
N SER A 63 8.10 -1.40 0.66
CA SER A 63 6.74 -1.03 0.28
C SER A 63 6.44 -0.89 -1.20
N PHE A 64 5.14 -1.00 -1.55
CA PHE A 64 4.76 -0.67 -2.94
C PHE A 64 4.16 0.71 -3.10
N ALA A 65 4.54 1.33 -4.19
CA ALA A 65 4.30 2.76 -4.38
C ALA A 65 4.15 3.17 -5.84
N VAL A 66 3.22 4.10 -6.02
CA VAL A 66 2.85 4.62 -7.33
C VAL A 66 2.94 6.13 -7.40
N ARG A 67 3.42 6.68 -8.53
CA ARG A 67 3.87 8.08 -8.58
C ARG A 67 4.49 8.65 -7.31
N GLU A 68 3.75 9.61 -6.75
CA GLU A 68 4.18 10.40 -5.60
C GLU A 68 3.78 9.70 -4.32
N HIS A 69 4.81 9.49 -3.49
CA HIS A 69 4.60 8.63 -2.33
C HIS A 69 5.21 9.18 -1.04
N GLY A 70 5.84 8.33 -0.22
CA GLY A 70 6.46 8.97 0.95
C GLY A 70 7.72 9.87 0.83
N ASP A 71 8.18 10.12 -0.41
CA ASP A 71 9.55 10.68 -0.52
C ASP A 71 9.73 11.71 -1.62
N PHE A 72 10.90 12.37 -1.69
CA PHE A 72 11.09 13.39 -2.74
C PHE A 72 11.28 12.87 -4.16
N TYR A 73 10.95 11.59 -4.33
CA TYR A 73 11.36 10.84 -5.52
C TYR A 73 10.26 9.97 -6.11
N PRO A 74 9.25 10.66 -6.70
CA PRO A 74 8.18 9.94 -7.37
C PRO A 74 8.64 8.90 -8.38
N PHE A 75 7.91 7.81 -8.29
CA PHE A 75 7.90 6.85 -9.38
C PHE A 75 7.32 7.39 -10.70
N ASP A 76 7.49 6.55 -11.74
CA ASP A 76 7.41 7.13 -13.07
C ASP A 76 6.34 6.60 -14.06
N GLY A 77 5.48 5.71 -13.55
CA GLY A 77 4.65 4.98 -14.49
C GLY A 77 5.27 3.68 -14.95
N PRO A 78 4.63 3.01 -15.91
CA PRO A 78 5.12 1.71 -16.43
C PRO A 78 6.52 1.73 -16.96
N GLY A 79 7.26 0.70 -16.61
CA GLY A 79 8.66 0.69 -17.03
C GLY A 79 9.53 1.79 -16.41
N ASN A 80 10.67 1.95 -17.12
CA ASN A 80 11.79 2.82 -16.71
C ASN A 80 12.24 2.49 -15.28
N VAL A 81 12.18 3.47 -14.37
CA VAL A 81 12.32 3.07 -12.98
C VAL A 81 11.39 2.04 -12.39
N LEU A 82 11.99 0.88 -12.07
CA LEU A 82 11.21 -0.20 -11.45
C LEU A 82 11.03 -0.14 -9.94
N ALA A 83 12.12 0.32 -9.31
CA ALA A 83 12.13 0.42 -7.84
C ALA A 83 13.28 1.28 -7.41
N HIS A 84 13.26 1.63 -6.13
CA HIS A 84 14.44 2.29 -5.61
C HIS A 84 14.77 2.02 -4.15
N ALA A 85 16.07 2.12 -3.82
CA ALA A 85 16.36 2.01 -2.39
C ALA A 85 17.39 2.98 -1.76
N TYR A 86 17.22 3.19 -0.45
CA TYR A 86 18.12 4.05 0.31
C TYR A 86 19.25 3.36 1.06
N ALA A 87 20.48 3.86 0.85
CA ALA A 87 21.63 3.44 1.69
C ALA A 87 21.37 3.29 3.23
N PRO A 88 22.19 2.42 3.89
CA PRO A 88 22.10 2.24 5.35
C PRO A 88 22.08 3.51 6.21
N GLY A 89 21.18 3.43 7.20
CA GLY A 89 21.06 4.51 8.16
C GLY A 89 19.64 4.52 8.74
N PRO A 90 19.31 5.61 9.50
CA PRO A 90 18.00 5.70 10.17
C PRO A 90 16.90 6.23 9.26
N GLY A 91 15.64 6.03 9.74
CA GLY A 91 14.51 6.58 8.93
C GLY A 91 14.30 5.84 7.63
N ILE A 92 13.81 6.57 6.64
CA ILE A 92 13.91 6.07 5.25
C ILE A 92 15.21 5.41 4.79
N ASN A 93 16.29 5.74 5.50
CA ASN A 93 17.48 4.98 5.14
C ASN A 93 17.34 3.51 5.41
N GLY A 94 17.97 2.73 4.55
CA GLY A 94 17.70 1.27 4.56
C GLY A 94 16.51 0.79 3.74
N ASP A 95 15.64 1.71 3.40
CA ASP A 95 14.32 1.32 2.90
C ASP A 95 14.17 1.18 1.38
N ALA A 96 13.26 0.27 0.99
CA ALA A 96 13.11 -0.05 -0.44
C ALA A 96 11.67 0.10 -0.97
N HIS A 97 11.55 0.96 -1.99
CA HIS A 97 10.21 1.12 -2.58
C HIS A 97 10.07 0.49 -3.97
N PHE A 98 8.87 0.03 -4.26
CA PHE A 98 8.63 -0.58 -5.56
C PHE A 98 7.54 0.08 -6.37
N ASP A 99 7.91 0.43 -7.62
CA ASP A 99 6.92 0.98 -8.56
C ASP A 99 5.77 0.03 -8.94
N ASP A 100 4.59 0.32 -8.39
CA ASP A 100 3.52 -0.64 -8.68
C ASP A 100 2.81 -0.44 -10.02
N ASP A 101 3.28 0.62 -10.70
CA ASP A 101 2.92 0.64 -12.13
C ASP A 101 3.73 -0.29 -13.04
N GLU A 102 4.60 -1.06 -12.36
CA GLU A 102 4.97 -2.36 -12.93
C GLU A 102 4.02 -3.48 -12.58
N GLN A 103 4.16 -4.53 -13.38
CA GLN A 103 3.55 -5.83 -13.08
C GLN A 103 4.50 -6.81 -12.39
N TRP A 104 4.37 -6.93 -11.08
CA TRP A 104 5.29 -7.85 -10.42
C TRP A 104 4.87 -9.27 -10.58
N THR A 105 5.84 -10.03 -11.10
CA THR A 105 5.71 -11.48 -11.31
C THR A 105 6.73 -12.34 -10.57
N LYS A 106 6.28 -13.54 -10.18
CA LYS A 106 7.19 -14.57 -9.64
C LYS A 106 8.09 -15.24 -10.66
N ASP A 107 7.61 -15.17 -11.90
CA ASP A 107 8.37 -15.54 -13.09
C ASP A 107 8.90 -14.35 -13.90
N THR A 108 9.34 -14.68 -15.11
CA THR A 108 9.81 -13.58 -15.98
C THR A 108 8.86 -13.00 -17.01
N THR A 109 7.55 -13.16 -16.74
CA THR A 109 6.53 -12.67 -17.71
C THR A 109 6.23 -11.18 -17.66
N GLY A 110 6.35 -10.68 -16.43
CA GLY A 110 6.42 -9.24 -16.24
C GLY A 110 7.73 -8.79 -15.63
N THR A 111 7.62 -8.09 -14.50
CA THR A 111 8.80 -7.68 -13.74
C THR A 111 9.05 -8.49 -12.50
N ASN A 112 10.12 -9.25 -12.59
CA ASN A 112 10.36 -10.22 -11.53
C ASN A 112 10.68 -9.63 -10.17
N LEU A 113 9.79 -9.97 -9.23
CA LEU A 113 9.94 -9.40 -7.88
C LEU A 113 11.19 -9.79 -7.12
N PHE A 114 11.51 -11.08 -7.16
CA PHE A 114 12.78 -11.49 -6.56
C PHE A 114 14.00 -10.69 -7.03
N LEU A 115 14.27 -10.77 -8.35
CA LEU A 115 15.38 -10.02 -8.95
C LEU A 115 15.58 -8.57 -8.49
N VAL A 116 14.48 -7.81 -8.64
CA VAL A 116 14.51 -6.44 -8.19
C VAL A 116 14.60 -6.15 -6.73
N ALA A 117 13.88 -6.99 -6.01
CA ALA A 117 14.07 -6.93 -4.55
C ALA A 117 15.52 -7.15 -4.12
N ALA A 118 16.17 -8.14 -4.74
CA ALA A 118 17.59 -8.40 -4.48
C ALA A 118 18.59 -7.27 -4.74
N HIS A 119 18.52 -6.71 -5.98
CA HIS A 119 19.25 -5.49 -6.34
C HIS A 119 19.01 -4.36 -5.35
N GLU A 120 17.72 -4.10 -5.13
CA GLU A 120 17.39 -3.07 -4.16
C GLU A 120 17.92 -3.25 -2.74
N ILE A 121 17.74 -4.42 -2.18
CA ILE A 121 18.37 -4.73 -0.90
C ILE A 121 19.90 -4.62 -0.85
N GLY A 122 20.52 -4.96 -2.00
CA GLY A 122 21.93 -4.55 -2.15
C GLY A 122 22.24 -3.10 -1.84
N HIS A 123 21.41 -2.23 -2.40
CA HIS A 123 21.41 -0.81 -2.01
C HIS A 123 21.17 -0.47 -0.53
N SER A 124 20.06 -1.01 0.02
CA SER A 124 19.82 -0.96 1.48
C SER A 124 20.95 -1.43 2.36
N LEU A 125 21.77 -2.33 1.84
CA LEU A 125 22.95 -2.84 2.55
C LEU A 125 24.30 -2.14 2.31
N GLY A 126 24.32 -1.11 1.45
CA GLY A 126 25.60 -0.41 1.28
C GLY A 126 26.30 -0.43 -0.08
N LEU A 127 25.72 -1.18 -1.00
CA LEU A 127 26.28 -1.23 -2.35
C LEU A 127 25.68 -0.24 -3.32
N PHE A 128 26.57 0.45 -4.01
CA PHE A 128 26.10 1.31 -5.09
C PHE A 128 26.02 0.51 -6.39
N HIS A 129 25.97 1.16 -7.56
CA HIS A 129 26.01 0.34 -8.78
C HIS A 129 27.42 -0.14 -9.19
N SER A 130 27.43 -1.38 -9.69
CA SER A 130 28.68 -1.95 -10.21
C SER A 130 28.99 -1.70 -11.68
N ALA A 131 30.30 -1.61 -11.98
CA ALA A 131 30.64 -1.61 -13.41
C ALA A 131 30.59 -2.96 -14.15
N ASN A 132 30.38 -4.03 -13.34
CA ASN A 132 30.42 -5.38 -13.91
C ASN A 132 29.10 -5.80 -14.56
N THR A 133 29.06 -5.97 -15.87
CA THR A 133 27.94 -6.64 -16.56
C THR A 133 27.26 -7.83 -15.88
N GLU A 134 28.11 -8.74 -15.39
CA GLU A 134 27.54 -9.93 -14.73
C GLU A 134 27.02 -9.78 -13.30
N ALA A 135 27.22 -8.57 -12.76
CA ALA A 135 26.84 -8.32 -11.36
C ALA A 135 25.36 -7.99 -11.10
N LEU A 136 24.85 -8.48 -9.94
CA LEU A 136 23.51 -8.07 -9.51
C LEU A 136 23.39 -6.60 -9.21
N MET A 137 24.49 -6.01 -8.78
CA MET A 137 24.43 -4.55 -8.60
C MET A 137 24.77 -3.68 -9.80
N TYR A 138 24.99 -4.34 -10.94
CA TYR A 138 24.94 -3.66 -12.26
C TYR A 138 23.55 -3.05 -12.53
N PRO A 139 23.49 -1.81 -13.06
CA PRO A 139 22.19 -1.13 -13.01
C PRO A 139 21.12 -1.63 -13.99
N LEU A 140 21.49 -2.61 -14.79
CA LEU A 140 20.65 -2.94 -15.94
C LEU A 140 19.78 -4.20 -15.80
N TYR A 141 18.47 -3.93 -15.84
CA TYR A 141 17.55 -5.08 -15.99
C TYR A 141 17.60 -5.91 -17.29
N HIS A 142 18.03 -7.16 -17.10
CA HIS A 142 17.62 -8.14 -18.09
C HIS A 142 16.22 -8.64 -17.80
N SER A 143 15.45 -8.88 -18.86
CA SER A 143 14.31 -9.78 -18.65
C SER A 143 14.65 -11.28 -18.53
N LEU A 144 15.28 -11.56 -17.39
CA LEU A 144 16.13 -12.74 -17.21
C LEU A 144 15.48 -14.10 -16.95
N THR A 145 14.99 -14.67 -18.06
CA THR A 145 14.50 -16.07 -18.12
C THR A 145 15.12 -17.08 -17.15
N ASP A 146 16.42 -17.29 -17.35
CA ASP A 146 17.10 -18.20 -16.44
C ASP A 146 17.60 -17.67 -15.09
N LEU A 147 16.58 -17.35 -14.30
CA LEU A 147 16.68 -17.40 -12.84
C LEU A 147 17.07 -18.76 -12.29
N THR A 148 16.72 -19.78 -13.08
CA THR A 148 17.12 -21.17 -12.82
C THR A 148 18.62 -21.40 -12.65
N ARG A 149 19.41 -20.53 -13.31
CA ARG A 149 20.85 -20.52 -13.08
C ARG A 149 21.41 -19.45 -12.10
N PHE A 150 20.51 -18.75 -11.40
CA PHE A 150 20.92 -17.53 -10.69
C PHE A 150 21.98 -17.68 -9.62
N ARG A 151 23.05 -16.94 -9.85
CA ARG A 151 24.10 -16.84 -8.83
C ARG A 151 24.39 -15.38 -8.44
N LEU A 152 24.72 -15.12 -7.16
CA LEU A 152 25.45 -13.84 -6.90
C LEU A 152 26.80 -13.80 -7.62
N SER A 153 27.05 -12.71 -8.35
CA SER A 153 28.34 -12.82 -9.01
C SER A 153 29.52 -12.68 -8.04
N GLN A 154 30.75 -13.06 -8.49
CA GLN A 154 31.83 -12.82 -7.51
C GLN A 154 32.05 -11.38 -7.04
N ASP A 155 31.79 -10.41 -7.93
CA ASP A 155 31.70 -8.94 -7.64
C ASP A 155 30.78 -8.56 -6.48
N ASP A 156 29.53 -8.99 -6.60
CA ASP A 156 28.58 -8.80 -5.51
C ASP A 156 29.05 -9.31 -4.14
N ILE A 157 29.61 -10.53 -4.17
CA ILE A 157 30.27 -11.03 -2.95
C ILE A 157 31.44 -10.21 -2.45
N ASN A 158 32.34 -9.84 -3.37
CA ASN A 158 33.48 -9.02 -2.99
C ASN A 158 33.11 -7.73 -2.27
N GLY A 159 32.19 -7.02 -2.93
CA GLY A 159 31.62 -5.80 -2.34
C GLY A 159 30.85 -5.87 -1.06
N ILE A 160 30.15 -6.97 -0.86
CA ILE A 160 29.39 -7.07 0.38
C ILE A 160 30.23 -7.64 1.57
N GLN A 161 31.24 -8.43 1.20
CA GLN A 161 32.22 -8.81 2.21
C GLN A 161 33.16 -7.69 2.64
N SER A 162 33.61 -6.93 1.67
CA SER A 162 34.29 -5.68 2.04
C SER A 162 33.59 -4.77 3.05
N LEU A 163 32.25 -4.83 3.01
CA LEU A 163 31.51 -4.17 4.08
C LEU A 163 31.33 -4.95 5.41
N TYR A 164 30.86 -6.21 5.31
CA TYR A 164 30.45 -6.97 6.50
C TYR A 164 31.24 -8.22 6.85
N GLY A 165 32.18 -8.62 5.99
CA GLY A 165 32.84 -9.91 6.19
C GLY A 165 32.13 -11.16 5.60
N PRO A 166 32.90 -12.26 5.56
CA PRO A 166 32.34 -13.54 5.12
C PRO A 166 31.54 -14.20 6.26
N PRO A 167 30.86 -15.34 5.98
CA PRO A 167 30.19 -16.04 7.09
C PRO A 167 31.17 -16.54 8.16
N PRO A 168 30.72 -16.52 9.46
CA PRO A 168 31.61 -16.79 10.61
C PRO A 168 32.69 -17.88 10.53
N ASP A 169 32.20 -19.09 10.33
CA ASP A 169 32.85 -20.21 9.73
C ASP A 169 32.07 -20.55 8.45
N PHE B 1 -27.28 15.38 9.03
CA PHE B 1 -26.22 15.36 8.04
C PHE B 1 -25.60 16.71 7.75
N ARG B 2 -24.31 16.64 7.41
CA ARG B 2 -23.75 17.76 6.64
C ARG B 2 -23.25 17.36 5.24
N THR B 3 -23.10 18.37 4.38
CA THR B 3 -22.40 18.08 3.11
C THR B 3 -21.12 18.91 2.99
N PHE B 4 -20.38 18.75 1.88
CA PHE B 4 -19.26 19.68 1.67
C PHE B 4 -19.68 21.06 1.03
N PRO B 5 -18.78 22.10 1.14
CA PRO B 5 -19.04 23.45 0.60
C PRO B 5 -19.75 23.62 -0.72
N GLY B 6 -21.04 23.90 -0.58
CA GLY B 6 -21.84 24.12 -1.78
C GLY B 6 -22.11 22.88 -2.66
N ILE B 7 -22.23 21.72 -1.98
CA ILE B 7 -22.70 20.48 -2.63
C ILE B 7 -21.83 19.86 -3.77
N PRO B 8 -20.56 19.52 -3.42
CA PRO B 8 -19.87 18.60 -4.32
C PRO B 8 -20.52 17.22 -4.36
N LYS B 9 -21.09 16.89 -5.54
CA LYS B 9 -21.65 15.57 -5.80
C LYS B 9 -21.17 15.01 -7.15
N TRP B 10 -21.36 13.71 -7.41
CA TRP B 10 -21.05 13.28 -8.78
C TRP B 10 -22.14 13.63 -9.81
N ARG B 11 -21.68 13.79 -11.07
CA ARG B 11 -22.63 14.05 -12.17
C ARG B 11 -23.24 12.86 -12.95
N LYS B 12 -22.49 11.76 -12.86
CA LYS B 12 -22.86 10.50 -13.51
C LYS B 12 -23.25 9.46 -12.48
N THR B 13 -24.16 8.53 -12.83
CA THR B 13 -24.48 7.56 -11.76
C THR B 13 -23.65 6.26 -11.63
N HIS B 14 -22.86 5.99 -12.66
CA HIS B 14 -21.97 4.83 -12.57
C HIS B 14 -20.52 5.19 -12.32
N LEU B 15 -20.10 4.83 -11.11
CA LEU B 15 -18.75 5.23 -10.71
C LEU B 15 -17.70 4.13 -10.78
N THR B 16 -16.44 4.52 -11.00
CA THR B 16 -15.45 3.44 -10.88
C THR B 16 -14.59 3.46 -9.62
N TYR B 17 -14.20 2.24 -9.25
CA TYR B 17 -13.25 2.04 -8.14
C TYR B 17 -12.04 1.12 -8.39
N ARG B 18 -10.90 1.55 -7.80
CA ARG B 18 -9.66 0.75 -7.80
C ARG B 18 -9.11 0.60 -6.39
N ILE B 19 -8.89 -0.66 -5.98
CA ILE B 19 -8.08 -0.81 -4.76
C ILE B 19 -6.60 -0.93 -5.14
N VAL B 20 -5.96 0.22 -4.97
CA VAL B 20 -4.60 0.37 -5.42
C VAL B 20 -3.52 -0.46 -4.81
N ASN B 21 -3.74 -0.72 -3.53
CA ASN B 21 -2.92 -1.71 -2.82
C ASN B 21 -3.59 -2.38 -1.62
N TYR B 22 -2.81 -3.28 -1.02
CA TYR B 22 -3.38 -4.12 0.03
C TYR B 22 -2.65 -4.08 1.37
N THR B 23 -3.40 -4.28 2.45
CA THR B 23 -2.88 -4.28 3.85
C THR B 23 -2.19 -5.57 4.27
N PRO B 24 -1.08 -5.47 5.04
CA PRO B 24 -0.56 -6.67 5.72
C PRO B 24 -1.60 -7.47 6.49
N ASP B 25 -2.48 -6.71 7.13
CA ASP B 25 -3.42 -7.20 8.16
C ASP B 25 -4.41 -8.28 7.78
N LEU B 26 -5.07 -8.07 6.66
CA LEU B 26 -6.06 -9.04 6.18
C LEU B 26 -5.60 -9.79 4.92
N PRO B 27 -6.23 -10.93 4.56
CA PRO B 27 -6.00 -11.41 3.21
C PRO B 27 -6.74 -10.54 2.18
N LYS B 28 -6.24 -10.63 0.94
CA LYS B 28 -6.85 -9.80 -0.12
C LYS B 28 -8.38 -9.90 -0.25
N ASP B 29 -8.88 -11.15 -0.25
CA ASP B 29 -10.33 -11.40 -0.17
C ASP B 29 -11.15 -10.64 0.89
N ALA B 30 -10.61 -10.62 2.11
CA ALA B 30 -11.24 -9.80 3.15
C ALA B 30 -11.26 -8.31 2.87
N VAL B 31 -10.13 -7.84 2.32
CA VAL B 31 -10.21 -6.50 1.79
C VAL B 31 -11.26 -6.20 0.76
N ASP B 32 -11.25 -7.06 -0.24
CA ASP B 32 -12.23 -6.94 -1.31
C ASP B 32 -13.65 -6.90 -0.85
N SER B 33 -13.97 -7.95 -0.09
CA SER B 33 -15.34 -8.02 0.40
C SER B 33 -15.81 -6.85 1.22
N ALA B 34 -14.86 -6.33 2.02
CA ALA B 34 -15.24 -5.19 2.85
C ALA B 34 -15.56 -3.96 2.04
N VAL B 35 -14.67 -3.73 1.06
CA VAL B 35 -15.00 -2.80 0.00
C VAL B 35 -16.22 -2.96 -0.89
N GLU B 36 -16.40 -4.15 -1.48
CA GLU B 36 -17.68 -4.53 -2.13
C GLU B 36 -18.90 -4.21 -1.29
N LYS B 37 -18.78 -4.65 -0.03
CA LYS B 37 -19.85 -4.40 0.92
C LYS B 37 -20.07 -2.94 1.34
N ALA B 38 -18.99 -2.15 1.49
CA ALA B 38 -19.15 -0.72 1.78
C ALA B 38 -19.79 0.14 0.69
N LEU B 39 -19.46 -0.25 -0.56
CA LEU B 39 -20.12 0.37 -1.72
C LEU B 39 -21.60 0.10 -1.82
N LYS B 40 -21.88 -1.22 -1.79
CA LYS B 40 -23.26 -1.75 -1.61
C LYS B 40 -24.20 -0.97 -0.71
N VAL B 41 -23.69 -0.69 0.50
CA VAL B 41 -24.48 0.16 1.36
C VAL B 41 -25.01 1.50 0.86
N TRP B 42 -24.18 2.11 0.01
CA TRP B 42 -24.64 3.36 -0.60
C TRP B 42 -25.43 3.20 -1.88
N GLU B 43 -25.04 2.15 -2.62
CA GLU B 43 -25.80 1.63 -3.77
C GLU B 43 -27.27 1.35 -3.48
N GLU B 44 -27.49 0.40 -2.56
CA GLU B 44 -28.82 0.12 -1.99
C GLU B 44 -29.76 1.28 -1.74
N VAL B 45 -29.23 2.41 -1.29
CA VAL B 45 -30.22 3.47 -1.06
C VAL B 45 -30.17 4.69 -2.02
N THR B 46 -29.52 4.50 -3.20
CA THR B 46 -29.42 5.59 -4.19
C THR B 46 -29.48 5.08 -5.64
N PRO B 47 -29.39 5.97 -6.69
CA PRO B 47 -29.20 5.46 -8.06
C PRO B 47 -27.76 5.15 -8.51
N LEU B 48 -26.79 5.16 -7.58
CA LEU B 48 -25.42 4.94 -8.03
C LEU B 48 -25.09 3.47 -8.16
N THR B 49 -24.29 3.16 -9.19
CA THR B 49 -23.61 1.84 -9.21
C THR B 49 -22.10 1.97 -9.27
N PHE B 50 -21.41 0.87 -8.94
CA PHE B 50 -19.94 0.91 -9.00
C PHE B 50 -19.30 -0.16 -9.87
N SER B 51 -18.14 0.16 -10.41
CA SER B 51 -17.42 -0.94 -11.03
C SER B 51 -15.92 -0.88 -10.96
N ARG B 52 -15.35 -2.09 -10.88
CA ARG B 52 -13.96 -2.30 -10.47
C ARG B 52 -12.94 -2.35 -11.58
N LEU B 53 -11.89 -1.55 -11.37
CA LEU B 53 -10.78 -1.40 -12.31
C LEU B 53 -9.54 -2.08 -11.78
N TYR B 54 -8.82 -2.76 -12.66
CA TYR B 54 -7.56 -3.28 -12.11
C TYR B 54 -6.34 -2.45 -12.41
N GLU B 55 -6.50 -1.64 -13.46
CA GLU B 55 -5.45 -0.70 -13.87
C GLU B 55 -6.01 0.66 -14.28
N GLY B 56 -5.09 1.59 -14.55
CA GLY B 56 -5.59 2.95 -14.87
C GLY B 56 -6.25 3.72 -13.72
N GLU B 57 -6.90 4.84 -14.10
CA GLU B 57 -7.49 5.64 -13.05
C GLU B 57 -9.01 5.51 -12.85
N ALA B 58 -9.37 5.56 -11.55
CA ALA B 58 -10.78 5.32 -11.21
C ALA B 58 -11.35 6.49 -10.43
N ASP B 59 -12.69 6.66 -10.47
CA ASP B 59 -13.22 7.78 -9.68
C ASP B 59 -12.77 7.79 -8.21
N ILE B 60 -12.97 6.61 -7.61
CA ILE B 60 -12.52 6.31 -6.25
C ILE B 60 -11.29 5.40 -6.15
N MET B 61 -10.12 6.03 -5.89
CA MET B 61 -8.84 5.30 -5.63
C MET B 61 -8.58 5.01 -4.16
N ILE B 62 -8.55 3.71 -3.91
CA ILE B 62 -8.57 3.18 -2.55
C ILE B 62 -7.22 2.56 -2.21
N SER B 63 -6.65 3.08 -1.14
CA SER B 63 -5.34 2.54 -0.77
C SER B 63 -5.12 2.51 0.72
N PHE B 64 -4.12 1.73 1.09
CA PHE B 64 -3.60 1.71 2.46
C PHE B 64 -2.34 2.56 2.59
N ALA B 65 -2.23 3.23 3.72
CA ALA B 65 -1.26 4.31 3.87
C ALA B 65 -0.65 4.45 5.27
N VAL B 66 0.68 4.46 5.27
CA VAL B 66 1.34 4.85 6.52
C VAL B 66 1.99 6.21 6.58
N ARG B 67 1.64 6.99 7.60
CA ARG B 67 2.32 8.28 7.79
C ARG B 67 2.34 9.18 6.55
N GLU B 68 3.56 9.58 6.09
CA GLU B 68 3.66 10.26 4.79
C GLU B 68 3.47 9.36 3.57
N HIS B 69 2.41 9.70 2.83
CA HIS B 69 2.09 8.83 1.68
C HIS B 69 2.00 9.45 0.30
N GLY B 70 2.09 10.79 0.25
CA GLY B 70 1.96 11.40 -1.08
C GLY B 70 0.83 12.40 -1.21
N ASP B 71 0.06 12.58 -0.12
CA ASP B 71 -0.82 13.75 -0.18
C ASP B 71 -0.46 14.88 0.78
N PHE B 72 -1.34 15.89 0.87
CA PHE B 72 -1.04 16.98 1.82
C PHE B 72 -1.32 16.65 3.30
N TYR B 73 -1.83 15.42 3.50
CA TYR B 73 -2.32 15.06 4.83
C TYR B 73 -1.74 13.72 5.33
N PRO B 74 -0.54 13.82 5.95
CA PRO B 74 0.08 12.63 6.54
C PRO B 74 -0.80 11.98 7.59
N PHE B 75 -0.68 10.66 7.67
CA PHE B 75 -1.29 10.00 8.83
C PHE B 75 -0.50 10.08 10.14
N ASP B 76 -1.28 9.91 11.22
CA ASP B 76 -0.73 9.76 12.56
C ASP B 76 -0.64 8.28 12.88
N GLY B 77 0.45 7.80 13.52
CA GLY B 77 0.56 6.34 13.66
C GLY B 77 -0.59 5.54 14.30
N PRO B 78 -0.20 4.55 15.13
CA PRO B 78 -1.22 3.73 15.81
C PRO B 78 -2.24 4.58 16.56
N GLY B 79 -3.49 4.45 16.18
CA GLY B 79 -4.42 5.35 16.87
C GLY B 79 -4.79 6.64 16.18
N ASN B 80 -5.41 7.46 17.02
CA ASN B 80 -6.12 8.67 16.56
C ASN B 80 -6.93 8.64 15.25
N VAL B 81 -6.35 9.26 14.17
CA VAL B 81 -7.02 9.09 12.90
C VAL B 81 -6.81 7.74 12.25
N LEU B 82 -7.95 7.16 11.89
CA LEU B 82 -7.95 5.80 11.34
C LEU B 82 -7.97 5.71 9.82
N ALA B 83 -8.45 6.82 9.25
CA ALA B 83 -8.60 6.99 7.80
C ALA B 83 -9.02 8.40 7.39
N HIS B 84 -8.82 8.70 6.09
CA HIS B 84 -9.36 9.91 5.44
C HIS B 84 -9.71 9.78 3.94
N ALA B 85 -10.73 10.54 3.54
CA ALA B 85 -11.15 10.53 2.14
C ALA B 85 -11.64 11.88 1.62
N TYR B 86 -11.75 11.96 0.29
CA TYR B 86 -12.00 13.25 -0.41
C TYR B 86 -13.30 13.36 -1.17
N ALA B 87 -14.00 14.46 -0.89
CA ALA B 87 -15.18 14.89 -1.68
C ALA B 87 -15.15 14.67 -3.19
N PRO B 88 -16.35 14.56 -3.83
CA PRO B 88 -16.43 14.41 -5.29
C PRO B 88 -15.63 15.41 -6.12
N GLY B 89 -15.26 14.92 -7.29
CA GLY B 89 -14.36 15.72 -8.12
C GLY B 89 -13.24 14.88 -8.77
N PRO B 90 -12.47 15.56 -9.62
CA PRO B 90 -11.35 14.90 -10.29
C PRO B 90 -10.12 14.59 -9.40
N GLY B 91 -9.26 13.75 -9.96
CA GLY B 91 -7.97 13.43 -9.32
C GLY B 91 -8.08 12.81 -7.95
N ILE B 92 -7.42 13.47 -7.01
CA ILE B 92 -7.46 13.10 -5.58
C ILE B 92 -8.86 13.15 -4.95
N ASN B 93 -9.70 13.96 -5.61
CA ASN B 93 -11.09 13.94 -5.19
C ASN B 93 -11.76 12.61 -5.56
N GLY B 94 -12.78 12.28 -4.76
CA GLY B 94 -13.26 10.89 -4.76
C GLY B 94 -12.49 9.90 -3.90
N ASP B 95 -11.25 10.22 -3.55
CA ASP B 95 -10.37 9.13 -3.15
C ASP B 95 -10.25 8.79 -1.66
N ALA B 96 -9.83 7.56 -1.36
CA ALA B 96 -9.96 7.07 0.02
C ALA B 96 -8.72 6.34 0.64
N HIS B 97 -8.32 6.85 1.80
CA HIS B 97 -7.06 6.38 2.36
C HIS B 97 -7.18 5.80 3.74
N PHE B 98 -6.70 4.56 3.85
CA PHE B 98 -6.80 3.88 5.14
C PHE B 98 -5.47 3.81 5.89
N ASP B 99 -5.50 4.27 7.13
CA ASP B 99 -4.27 4.15 7.90
C ASP B 99 -3.79 2.74 8.27
N ASP B 100 -2.70 2.34 7.64
CA ASP B 100 -2.28 0.98 8.01
C ASP B 100 -1.53 0.77 9.35
N ASP B 101 -1.21 1.91 10.01
CA ASP B 101 -0.85 1.78 11.44
C ASP B 101 -2.01 1.42 12.39
N GLU B 102 -3.20 1.44 11.82
CA GLU B 102 -4.22 0.63 12.48
C GLU B 102 -4.18 -0.88 12.16
N GLN B 103 -4.97 -1.62 12.96
CA GLN B 103 -5.21 -3.04 12.65
C GLN B 103 -6.54 -3.30 12.01
N TRP B 104 -6.52 -3.48 10.71
CA TRP B 104 -7.79 -3.72 10.03
C TRP B 104 -8.27 -5.13 10.17
N THR B 105 -9.54 -5.21 10.49
CA THR B 105 -10.14 -6.46 10.91
C THR B 105 -11.46 -6.77 10.14
N LYS B 106 -11.78 -8.08 9.97
CA LYS B 106 -13.09 -8.59 9.50
C LYS B 106 -14.21 -8.67 10.55
N ASP B 107 -13.83 -8.68 11.82
CA ASP B 107 -14.81 -8.60 12.91
C ASP B 107 -14.69 -7.33 13.79
N THR B 108 -14.85 -7.51 15.10
CA THR B 108 -14.75 -6.37 16.02
C THR B 108 -13.42 -6.16 16.77
N THR B 109 -12.45 -7.07 16.54
CA THR B 109 -11.13 -7.05 17.23
C THR B 109 -10.28 -5.75 17.28
N GLY B 110 -9.95 -5.25 16.07
CA GLY B 110 -9.29 -3.94 16.02
C GLY B 110 -10.14 -2.90 15.33
N THR B 111 -9.61 -2.32 14.24
CA THR B 111 -10.45 -1.45 13.42
C THR B 111 -11.22 -2.13 12.27
N ASN B 112 -12.54 -2.14 12.39
CA ASN B 112 -13.35 -2.74 11.32
C ASN B 112 -13.27 -2.06 9.93
N LEU B 113 -12.67 -2.85 9.02
CA LEU B 113 -12.50 -2.30 7.67
C LEU B 113 -13.79 -1.91 6.92
N PHE B 114 -14.77 -2.83 6.91
CA PHE B 114 -16.12 -2.44 6.43
C PHE B 114 -16.69 -1.14 7.01
N LEU B 115 -16.82 -1.07 8.34
CA LEU B 115 -17.43 0.12 8.94
C LEU B 115 -16.81 1.45 8.49
N VAL B 116 -15.50 1.44 8.65
CA VAL B 116 -14.73 2.53 8.13
C VAL B 116 -14.83 2.88 6.66
N ALA B 117 -14.64 1.84 5.83
CA ALA B 117 -14.86 1.98 4.40
C ALA B 117 -16.21 2.57 3.99
N ALA B 118 -17.25 2.08 4.65
CA ALA B 118 -18.52 2.80 4.52
C ALA B 118 -18.48 4.30 4.83
N HIS B 119 -17.97 4.64 6.01
CA HIS B 119 -17.83 6.05 6.42
C HIS B 119 -17.14 6.96 5.41
N GLU B 120 -16.00 6.45 4.93
CA GLU B 120 -15.17 7.20 3.99
C GLU B 120 -15.64 7.19 2.52
N ILE B 121 -16.37 6.12 2.14
CA ILE B 121 -17.24 6.22 0.95
C ILE B 121 -18.43 7.21 1.06
N GLY B 122 -18.92 7.42 2.29
CA GLY B 122 -19.76 8.62 2.45
C GLY B 122 -19.08 9.95 2.09
N HIS B 123 -17.77 10.03 2.38
CA HIS B 123 -16.99 11.21 1.97
C HIS B 123 -16.74 11.38 0.49
N SER B 124 -16.16 10.34 -0.10
CA SER B 124 -16.09 10.26 -1.57
C SER B 124 -17.37 10.52 -2.31
N LEU B 125 -18.48 10.25 -1.63
CA LEU B 125 -19.77 10.52 -2.25
C LEU B 125 -20.41 11.87 -1.98
N GLY B 126 -19.74 12.68 -1.15
CA GLY B 126 -20.32 14.01 -0.93
C GLY B 126 -20.80 14.38 0.46
N LEU B 127 -20.86 13.38 1.30
CA LEU B 127 -21.22 13.65 2.68
C LEU B 127 -20.09 14.01 3.61
N PHE B 128 -20.43 14.91 4.52
CA PHE B 128 -19.49 15.29 5.55
C PHE B 128 -19.77 14.67 6.94
N HIS B 129 -19.29 15.32 8.00
CA HIS B 129 -19.68 14.78 9.30
C HIS B 129 -21.02 15.24 9.81
N SER B 130 -21.80 14.22 10.16
CA SER B 130 -23.06 14.44 10.87
C SER B 130 -22.98 15.01 12.31
N ALA B 131 -24.08 15.66 12.77
CA ALA B 131 -24.23 15.81 14.22
C ALA B 131 -24.85 14.60 14.91
N ASN B 132 -25.68 13.88 14.13
CA ASN B 132 -26.31 12.69 14.70
C ASN B 132 -25.33 11.60 15.07
N THR B 133 -25.17 11.40 16.38
CA THR B 133 -24.36 10.26 16.88
C THR B 133 -24.65 8.89 16.32
N GLU B 134 -25.94 8.60 16.23
CA GLU B 134 -26.39 7.35 15.59
C GLU B 134 -26.21 7.19 14.08
N ALA B 135 -25.59 8.21 13.47
CA ALA B 135 -25.41 8.16 12.02
C ALA B 135 -24.03 7.70 11.63
N LEU B 136 -23.97 6.89 10.57
CA LEU B 136 -22.65 6.48 10.09
C LEU B 136 -21.65 7.64 9.85
N MET B 137 -22.20 8.78 9.41
CA MET B 137 -21.29 9.92 9.21
C MET B 137 -20.86 10.76 10.42
N TYR B 138 -21.29 10.38 11.62
CA TYR B 138 -20.59 10.89 12.81
C TYR B 138 -19.08 10.52 12.85
N PRO B 139 -18.20 11.49 13.25
CA PRO B 139 -16.75 11.24 13.16
C PRO B 139 -16.03 10.28 14.15
N LEU B 140 -16.85 9.53 14.88
CA LEU B 140 -16.34 8.51 15.81
C LEU B 140 -16.60 7.12 15.31
N TYR B 141 -15.58 6.27 15.49
CA TYR B 141 -15.82 4.84 15.30
C TYR B 141 -16.19 4.14 16.61
N HIS B 142 -17.46 3.77 16.69
CA HIS B 142 -18.05 3.28 17.95
C HIS B 142 -17.78 1.83 18.36
N SER B 143 -17.81 1.67 19.69
CA SER B 143 -17.72 0.35 20.34
C SER B 143 -18.78 -0.69 20.03
N LEU B 144 -18.48 -1.47 19.01
CA LEU B 144 -19.56 -2.32 18.49
C LEU B 144 -19.36 -3.82 18.66
N THR B 145 -20.51 -4.54 18.70
CA THR B 145 -20.44 -6.00 18.46
C THR B 145 -21.15 -6.46 17.18
N ASP B 146 -22.48 -6.34 17.21
CA ASP B 146 -23.28 -6.75 16.06
C ASP B 146 -23.13 -5.99 14.72
N LEU B 147 -22.39 -6.66 13.82
CA LEU B 147 -22.37 -6.16 12.45
C LEU B 147 -23.58 -6.48 11.56
N THR B 148 -24.51 -7.23 12.14
CA THR B 148 -25.81 -7.46 11.49
C THR B 148 -26.82 -6.33 11.73
N ARG B 149 -26.68 -5.70 12.91
CA ARG B 149 -27.25 -4.35 13.08
C ARG B 149 -26.45 -3.17 12.46
N PHE B 150 -25.70 -3.50 11.39
CA PHE B 150 -25.49 -2.41 10.43
C PHE B 150 -26.65 -2.11 9.49
N ARG B 151 -27.39 -1.10 9.91
CA ARG B 151 -28.17 -0.37 8.92
C ARG B 151 -27.74 1.08 8.97
N LEU B 152 -27.69 1.74 7.80
CA LEU B 152 -27.61 3.21 7.88
C LEU B 152 -28.74 3.86 8.69
N SER B 153 -28.34 4.98 9.29
CA SER B 153 -29.40 5.76 9.94
C SER B 153 -30.24 6.58 8.96
N GLN B 154 -31.37 7.06 9.52
CA GLN B 154 -32.14 7.96 8.66
C GLN B 154 -31.41 9.20 8.20
N ASP B 155 -30.56 9.73 9.08
CA ASP B 155 -29.75 10.90 8.71
C ASP B 155 -28.86 10.72 7.49
N ASP B 156 -28.17 9.60 7.53
CA ASP B 156 -27.45 9.08 6.37
C ASP B 156 -28.28 8.96 5.09
N ILE B 157 -29.33 8.14 5.15
CA ILE B 157 -30.30 8.06 4.03
C ILE B 157 -30.72 9.42 3.45
N ASN B 158 -31.23 10.26 4.36
CA ASN B 158 -31.55 11.66 4.07
C ASN B 158 -30.47 12.52 3.40
N GLY B 159 -29.23 12.32 3.84
CA GLY B 159 -28.16 13.09 3.21
C GLY B 159 -27.62 12.56 1.88
N ILE B 160 -27.55 11.23 1.78
CA ILE B 160 -27.13 10.74 0.47
C ILE B 160 -28.21 10.87 -0.60
N GLN B 161 -29.45 10.74 -0.12
CA GLN B 161 -30.58 10.94 -1.04
C GLN B 161 -30.98 12.36 -1.36
N SER B 162 -30.54 13.30 -0.53
CA SER B 162 -30.64 14.71 -0.97
C SER B 162 -29.61 15.13 -2.01
N LEU B 163 -28.50 14.39 -1.95
CA LEU B 163 -27.55 14.49 -3.06
C LEU B 163 -27.99 13.83 -4.36
N TYR B 164 -28.49 12.61 -4.24
CA TYR B 164 -28.61 11.76 -5.43
C TYR B 164 -29.99 11.18 -5.72
N GLY B 165 -30.89 11.42 -4.76
CA GLY B 165 -32.11 10.60 -4.68
C GLY B 165 -31.96 9.09 -4.35
N PRO B 166 -33.17 8.49 -4.28
CA PRO B 166 -33.32 7.06 -4.01
C PRO B 166 -33.10 6.20 -5.26
N PRO B 167 -32.98 4.85 -5.06
CA PRO B 167 -32.83 3.95 -6.21
C PRO B 167 -33.96 4.01 -7.21
N PRO B 168 -33.61 3.91 -8.50
CA PRO B 168 -34.62 3.80 -9.55
C PRO B 168 -35.70 2.71 -9.43
N ASP B 169 -35.39 1.51 -8.98
CA ASP B 169 -36.41 0.51 -8.73
C ASP B 169 -37.12 0.55 -7.38
N SER B 170 -36.91 1.67 -6.67
CA SER B 170 -37.44 1.75 -5.29
C SER B 170 -38.72 2.60 -5.13
N PRO B 171 -39.70 2.07 -4.32
CA PRO B 171 -40.83 2.90 -3.91
C PRO B 171 -40.48 3.79 -2.74
N GLU B 172 -41.25 4.89 -2.63
CA GLU B 172 -41.04 5.70 -1.47
C GLU B 172 -42.21 5.60 -0.55
N THR B 173 -41.88 5.42 0.73
CA THR B 173 -42.82 5.39 1.82
C THR B 173 -43.53 6.69 2.09
ZN ZN C . 20.01 0.25 -8.31
ZN ZN D . 10.38 6.36 -2.78
CA CA E . 8.12 2.58 -13.27
CA CA F . 1.11 -3.34 -10.65
CA CA G . 15.00 2.37 7.62
ZN ZN H . -15.04 11.11 8.27
ZN ZN I . -3.82 10.71 2.32
CA CA J . -3.60 6.58 12.86
CA CA K . -2.01 -2.57 9.82
CA CA L . -10.41 10.25 -7.76
C10 S80 M . -11.82 7.67 16.01
O4 S80 M . -12.87 7.23 15.54
N3 S80 M . -11.25 7.16 17.13
C9 S80 M . -9.90 7.48 17.61
C8 S80 M . -9.80 8.86 18.28
C7 S80 M . -9.83 10.02 17.29
C6 S80 M . -10.98 10.08 16.35
C5 S80 M . -11.31 8.97 15.43
N2 S80 M . -11.91 9.32 14.14
C4 S80 M . -11.34 9.17 12.92
C3 S80 M . -12.10 9.33 11.67
C2 S80 M . -11.76 10.55 10.85
C1 S80 M . -12.66 10.77 9.69
O1 S80 M . -13.80 11.11 9.95
N1 S80 M . -12.30 10.63 8.42
O2 S80 M . -13.30 10.82 7.47
C11 S80 M . -10.82 11.70 11.24
C12 S80 M . -11.64 12.70 12.07
C13 S80 M . -10.89 14.04 12.27
O5 S80 M . -10.79 14.70 11.02
C14 S80 M . -12.68 8.13 11.03
C15 S80 M . -13.73 7.26 11.45
C17 S80 M . -15.07 7.76 11.89
C16 S80 M . -13.79 5.83 10.94
O3 S80 M . -10.19 8.85 12.73
C18 S80 M . -12.02 6.31 18.05
C19 S80 M . -12.04 4.83 17.66
O6 S80 M . -10.74 4.28 17.67
C20 S80 M . -10.78 2.92 17.22
#